data_9NA9
#
_entry.id   9NA9
#
_cell.length_a   1.00
_cell.length_b   1.00
_cell.length_c   1.00
_cell.angle_alpha   90.00
_cell.angle_beta   90.00
_cell.angle_gamma   90.00
#
_symmetry.space_group_name_H-M   'P 1'
#
loop_
_entity.id
_entity.type
_entity.pdbx_description
1 polymer 'AUGMIN subunit 1'
2 polymer 'AUGMIN subunit 4'
3 polymer 'AUGMIN subunit 5,Green fluorescent protein'
4 polymer 'AUGMIN subunit 3'
#
loop_
_entity_poly.entity_id
_entity_poly.type
_entity_poly.pdbx_seq_one_letter_code
_entity_poly.pdbx_strand_id
1 'polypeptide(L)'
;MSDVTGDLAAVSEAKGGSDAARISEVKAWLTSQFEAVGKEVPNFEYTHRSITHLYNLATASQAKSQAATIVANDFRLKAS
EYRAQAARIREILESAGMSQESLPSNVVSSAQVLANVANLLNIRDTELSSFLVAMGDISLRKTGVEEKRAKAQKESNALL
DYTRKAIQRLTYLKKILAQLEDDVVPCESQMENWKTNLEVMAVKEEQYIQQYKKYEMLLNRVGYTPKISHRELVEMAEHR
KELDKMTKPVLDTLRSYQDLPPDKALAALAIEDKKRQFTAAEKYLEEVLQSALETNDE
;
A
2 'polypeptide(L)'
;MVKALQGAAQNLPADVNQLIDQLERHCLAPDGSLVTKSVYSDLQLAREEMSRERLRYLEAMAIYCEAVAMVEEYQQAISV
ANHGGIRDVQGLYPQLGLKNSPQVYETLEHRLVVAEAAQKLRLPLISDGGEIHEEEIEKWSILSRSSLDSASTSFTISST
SNSVNYANSSANSVAGGISLSAVDTDVVGGVPNRFLGITPAYLSYVQLQNTISMDMADYQMFLAREIEGRLKEKCDKLAD
AIVDDTDSSTGNRNSSARLPERVKFIIEEIERDEAALREDLYSADRKFAEYYNVLEQILGVLIKLVKDLKLEHQHKYNEM
QKTWLCKRCETMNAKLRVLENVLLLETYTPDSISALHNIRNYLVEATEEASAAYNKAVTRLREYQGVDPHFDTIARQYHD
IVKKLENMQWTIHQVEMDLKSHD
;
D
3 'polypeptide(L)'
;MQSLSSSAPTPEAILEWLQKEMGYRQLGPYNGSSKSHVPSIDAIRKICRGNMIPIWNFLINRVKSEKTVERIRRNITVHG
GSSNASIGSSVNPGKEESKSKGRRKDKTVTGESSSYAEDREAALQERELAAKEVERLRNIVRRQRKDLKARMLEVSREEA
ERKRMLDERANYRHKQALLEAYDQQCDEATRIFAEYHKRLQVYVNQANDAQRSVNSSNEVLSSLSANSEREAVYSTVKGT
KSADDVILMETTRERNIRIVCDLLASRMIERIRNSFPAYEGNGICSLPELETAKLGFEYDGEITDEMKTVIVNSLRGPPL
LLQAIAAYTLRIKTLISREMEKIDVRADAEMLRYKFENNRVTDNSSSDVSSPLSYQFNGNGKIGTDTHFQGSNNQLLERQ
KAHVQQFLATEDALNKAAEARDLCHKFINRLHGSADTATHSFVGGTTQSGSNLRQFELDVWGKEREAAGLRASLNTLLSE
IQRLNKLCAERKEAEDSLKKKWKKIEEFDARRSELETIYTTLLKANMDAVAFWNQQPLAAREYASATVIPASEVVVDISN
SAKDFIEKEVSAFFQSPDNSLYMLPATPQGLLESMGANGSTGPEAVAYAEKNAALLTARAGARDPSAIPSICRISAALQY
PAGLEGSDASLASVLESLEFCLRVRGSEACVLEDLAKAIDLVHIRQDLVESGHSLLDHAFRAQQKYERTTNYCLDLASEQ
ENTISDQWLPELRTAVQNAQASSEHCKYVRGLLDEWWEQPASTVVDWVTVDGQSVAAWQNHVKQLLAFYDKESLRTGAGA
GMVSKGEELFTGVVPILVELDGDVNGHKFSVSGEGEGDATYGKLTLKFICTTGKLPVPWPTLVTTFTYGVQCFSRYPDHM
KQHDFFKSAMPEGYVQERTIFFKDDGNYKTRAEVKFEGDTLVNRIELKGIDFKEDGNILGHKLEYNYNSHNVYIMADKQK
NGIKVNFKIRHNIEDGSVQLADHYQQNTPIGDGPVLLPDNHYLSTQSALSKDPNEKRDHMVLLEFVTAAGITHGMDELYK
;
E
4 'polypeptide(L)'
;MSSARLCSLVAELGYEGAGKLDPDSFEWPFQYDDARPILDWICSSLRPSNVLSLAELSLYEQFQRDGKLLEGDDLDQAYD
SISAFSSRRNNQEAVFGAEESIKEVRDATLAHKAEALELQRQLRRLQTQYDLLTGQSSALIQGRRARVAATSAVSGQITA
IEDSLSARNLQMNGVLGRLASTSQELAHYHSGEEDGIYLAYSDFHAYLAGDSACTKELNQWFAKQLDTGPYRLVAEEGKS
KCSWVSLDDTSNMLRDLEKSQHQRVAELQRLRSIFGTSERQWIEAQVENAKQQAILLTLKSQVTSVEAHIHFDLHSLRRK
HADLVEEISTLYQKEEKLLSETIPELCWELAQLQDTYILQGDYDLKVMRQELYISKQKVFINHLVNQLARHQFLKLACQL
EKKNMLGAFSLLKVIESELQGYLSATRSRVGRCSALIQAASDVQEQGAVDDRDSFLHGVRDLLSIHSNTQAGLSTYVSAP
AIIQQIVALQSDLSSLQSDLENSLPDDRNRCINELCTHIQNLQQLLFASSTTAQPILTPWPLMKELDEMGKINSKLSTAV
EEVTLEHRNKREIVKHHAKDVELQRRVFVDFFCNPERLRNQVRELNALVRARQASSS
;
C
#
# COMPACT_ATOMS: atom_id res chain seq x y z
N THR A 196 -13.55 35.21 14.81
CA THR A 196 -12.12 34.89 14.72
C THR A 196 -11.90 33.57 14.01
N ASN A 197 -12.99 32.98 13.51
CA ASN A 197 -12.91 31.65 12.90
C ASN A 197 -11.96 31.65 11.71
N LEU A 198 -12.00 32.68 10.88
CA LEU A 198 -11.03 32.80 9.79
C LEU A 198 -9.61 32.91 10.36
N GLU A 199 -9.44 33.70 11.42
CA GLU A 199 -8.15 33.75 12.11
C GLU A 199 -7.86 32.41 12.77
N VAL A 200 -8.87 31.78 13.36
CA VAL A 200 -8.71 30.41 13.85
C VAL A 200 -8.39 29.47 12.68
N MET A 201 -9.05 29.67 11.54
CA MET A 201 -8.70 28.90 10.35
C MET A 201 -7.26 29.19 9.95
N ALA A 202 -6.83 30.46 10.08
CA ALA A 202 -5.42 30.77 9.91
C ALA A 202 -4.57 30.07 10.96
N VAL A 203 -5.02 30.07 12.22
CA VAL A 203 -4.37 29.25 13.23
C VAL A 203 -4.46 27.78 12.83
N LYS A 204 -5.59 27.38 12.26
CA LYS A 204 -5.74 26.03 11.74
C LYS A 204 -4.87 25.83 10.50
N GLU A 205 -4.28 26.92 9.98
CA GLU A 205 -3.28 26.79 8.94
C GLU A 205 -1.87 26.65 9.51
N GLU A 206 -1.59 27.29 10.64
CA GLU A 206 -0.31 27.03 11.33
C GLU A 206 -0.45 25.82 12.26
N GLN A 207 -1.38 24.93 11.89
CA GLN A 207 -1.25 23.52 12.22
C GLN A 207 -0.92 22.72 10.97
N TYR A 208 -1.47 23.09 9.82
CA TYR A 208 -1.11 22.39 8.59
C TYR A 208 0.29 22.75 8.08
N ILE A 209 0.81 23.92 8.47
CA ILE A 209 2.12 24.28 7.94
C ILE A 209 3.24 23.54 8.68
N GLN A 210 2.89 22.74 9.70
CA GLN A 210 3.96 21.99 10.39
C GLN A 210 3.95 20.50 10.09
N GLN A 211 2.91 19.95 9.42
CA GLN A 211 3.10 18.56 8.99
C GLN A 211 3.98 18.51 7.75
N TYR A 212 4.14 19.63 7.05
CA TYR A 212 5.35 19.79 6.24
C TYR A 212 6.58 19.54 7.08
N LYS A 213 6.53 19.92 8.37
CA LYS A 213 7.63 19.69 9.28
C LYS A 213 7.43 18.42 10.13
N LYS A 214 6.35 17.67 9.88
CA LYS A 214 6.31 16.30 10.40
C LYS A 214 6.63 15.25 9.33
N TYR A 215 6.25 15.46 8.08
CA TYR A 215 6.39 14.38 7.10
C TYR A 215 7.77 14.37 6.43
N GLU A 216 8.59 15.40 6.63
CA GLU A 216 9.80 15.51 5.81
C GLU A 216 10.76 14.36 6.08
N MET A 217 10.84 13.88 7.31
CA MET A 217 11.73 12.75 7.62
C MET A 217 11.36 11.51 6.81
N LEU A 218 10.12 11.43 6.36
CA LEU A 218 9.79 10.40 5.38
C LEU A 218 9.62 11.00 3.99
N LEU A 219 9.26 12.29 3.92
CA LEU A 219 9.02 12.93 2.61
C LEU A 219 10.32 13.09 1.83
N ASN A 220 11.43 13.39 2.50
CA ASN A 220 12.71 13.44 1.79
C ASN A 220 13.02 12.09 1.16
N ARG A 221 12.63 11.00 1.83
CA ARG A 221 12.66 9.69 1.21
C ARG A 221 11.59 9.55 0.14
N VAL A 222 10.45 10.24 0.32
CA VAL A 222 9.37 10.18 -0.67
C VAL A 222 9.64 11.16 -1.81
N GLY A 223 10.15 12.35 -1.50
CA GLY A 223 10.22 13.39 -2.49
C GLY A 223 11.33 13.20 -3.51
N TYR A 224 12.39 12.49 -3.13
CA TYR A 224 13.55 12.36 -4.00
C TYR A 224 13.61 11.03 -4.74
N THR A 225 13.68 9.92 -4.01
CA THR A 225 13.92 8.62 -4.67
C THR A 225 12.77 8.18 -5.57
N PRO A 226 11.51 8.17 -5.14
CA PRO A 226 10.44 7.84 -6.09
C PRO A 226 10.37 8.79 -7.27
N LYS A 227 10.66 10.07 -7.05
CA LYS A 227 10.60 11.04 -8.13
C LYS A 227 11.72 10.82 -9.14
N ILE A 228 12.96 10.67 -8.66
CA ILE A 228 14.05 10.41 -9.59
C ILE A 228 13.86 9.08 -10.28
N SER A 229 13.32 8.09 -9.56
CA SER A 229 13.07 6.78 -10.18
C SER A 229 11.98 6.88 -11.23
N HIS A 230 10.84 7.49 -10.90
CA HIS A 230 9.73 7.55 -11.85
C HIS A 230 10.08 8.40 -13.07
N ARG A 231 10.74 9.54 -12.85
CA ARG A 231 11.01 10.46 -13.96
C ARG A 231 11.89 9.82 -15.01
N GLU A 232 12.93 9.10 -14.61
CA GLU A 232 13.80 8.46 -15.59
C GLU A 232 13.04 7.38 -16.36
N LEU A 233 12.23 6.57 -15.66
CA LEU A 233 11.45 5.55 -16.36
C LEU A 233 10.42 6.17 -17.29
N VAL A 234 9.78 7.26 -16.87
CA VAL A 234 8.89 7.98 -17.78
C VAL A 234 9.68 8.55 -18.96
N GLU A 235 10.84 9.15 -18.67
CA GLU A 235 11.75 9.49 -19.76
C GLU A 235 12.22 8.24 -20.49
N MET A 236 12.46 7.16 -19.74
CA MET A 236 12.80 5.89 -20.39
C MET A 236 11.60 5.34 -21.16
N ALA A 237 10.38 5.63 -20.69
CA ALA A 237 9.20 5.14 -21.38
C ALA A 237 9.18 5.61 -22.84
N GLU A 238 9.36 6.91 -23.06
CA GLU A 238 9.53 7.38 -24.43
C GLU A 238 10.87 6.91 -24.98
N HIS A 239 11.88 6.79 -24.11
CA HIS A 239 13.19 6.36 -24.58
C HIS A 239 13.18 4.87 -24.93
N ARG A 240 12.53 4.03 -24.12
CA ARG A 240 12.40 2.63 -24.50
C ARG A 240 11.53 2.50 -25.74
N LYS A 241 10.50 3.34 -25.88
CA LYS A 241 9.72 3.35 -27.11
C LYS A 241 10.57 3.78 -28.30
N GLU A 242 11.58 4.62 -28.08
CA GLU A 242 12.49 4.92 -29.19
C GLU A 242 13.58 3.85 -29.30
N LEU A 243 13.97 3.23 -28.18
CA LEU A 243 14.98 2.16 -28.22
C LEU A 243 14.52 0.98 -29.07
N ASP A 244 13.29 0.50 -28.86
CA ASP A 244 12.85 -0.67 -29.60
C ASP A 244 12.53 -0.33 -31.05
N LYS A 245 12.32 0.95 -31.36
CA LYS A 245 11.79 1.29 -32.68
C LYS A 245 12.89 1.41 -33.73
N MET A 246 14.01 2.10 -33.44
CA MET A 246 14.88 2.53 -34.53
C MET A 246 15.45 1.33 -35.28
N THR A 247 15.36 0.14 -34.69
CA THR A 247 15.67 -1.08 -35.41
C THR A 247 14.92 -1.12 -36.74
N LYS A 248 13.62 -0.86 -36.70
CA LYS A 248 12.83 -0.93 -37.93
C LYS A 248 13.24 0.11 -38.97
N PRO A 249 13.41 1.40 -38.66
CA PRO A 249 13.99 2.30 -39.65
C PRO A 249 15.40 1.90 -40.07
N VAL A 250 16.20 1.35 -39.17
CA VAL A 250 17.51 0.84 -39.56
C VAL A 250 17.35 -0.35 -40.49
N LEU A 251 16.37 -1.21 -40.22
CA LEU A 251 16.00 -2.23 -41.20
C LEU A 251 15.62 -1.60 -42.53
N ASP A 252 14.92 -0.46 -42.49
CA ASP A 252 14.68 0.31 -43.70
C ASP A 252 15.95 0.96 -44.19
N THR A 253 16.78 1.47 -43.27
CA THR A 253 18.03 2.12 -43.67
C THR A 253 19.05 1.09 -44.14
N LEU A 254 19.00 -0.12 -43.58
CA LEU A 254 19.89 -1.18 -44.05
C LEU A 254 19.62 -1.53 -45.51
N ARG A 255 18.36 -1.36 -45.95
CA ARG A 255 18.04 -1.52 -47.36
C ARG A 255 18.72 -0.44 -48.19
N SER A 256 18.79 0.79 -47.67
CA SER A 256 19.47 1.87 -48.39
C SER A 256 20.94 1.56 -48.57
N TYR A 257 21.58 0.97 -47.56
CA TYR A 257 22.97 0.55 -47.63
C TYR A 257 23.10 -0.96 -47.79
N GLN A 258 22.13 -1.61 -48.45
CA GLN A 258 22.19 -3.06 -48.65
C GLN A 258 23.30 -3.44 -49.61
N ASP A 259 23.81 -2.48 -50.38
CA ASP A 259 24.80 -2.79 -51.40
C ASP A 259 26.10 -3.30 -50.78
N LEU A 260 26.52 -2.70 -49.67
CA LEU A 260 27.84 -3.03 -49.11
C LEU A 260 27.98 -4.47 -48.63
N PRO A 261 27.09 -5.03 -47.80
CA PRO A 261 27.38 -6.34 -47.18
C PRO A 261 27.68 -7.45 -48.18
N PRO A 262 26.94 -7.55 -49.30
CA PRO A 262 27.35 -8.55 -50.30
C PRO A 262 28.74 -8.30 -50.87
N ASP A 263 29.13 -7.03 -51.03
CA ASP A 263 30.44 -6.73 -51.58
C ASP A 263 31.55 -7.09 -50.60
N LYS A 264 31.33 -6.85 -49.31
CA LYS A 264 32.32 -7.21 -48.30
C LYS A 264 32.37 -8.72 -48.12
N ALA A 265 33.47 -9.20 -47.53
CA ALA A 265 33.60 -10.63 -47.25
C ALA A 265 32.52 -11.09 -46.28
N LEU A 266 32.29 -10.32 -45.22
CA LEU A 266 31.21 -10.59 -44.28
C LEU A 266 30.87 -9.31 -43.54
N ALA A 267 29.66 -8.80 -43.78
CA ALA A 267 29.18 -7.62 -43.07
C ALA A 267 27.73 -7.81 -42.65
N ALA A 268 27.02 -8.71 -43.33
CA ALA A 268 25.60 -8.91 -43.04
C ALA A 268 25.41 -9.70 -41.76
N LEU A 269 26.32 -10.63 -41.47
CA LEU A 269 26.17 -11.45 -40.26
C LEU A 269 26.29 -10.60 -39.00
N ALA A 270 27.22 -9.65 -38.98
CA ALA A 270 27.46 -8.86 -37.77
C ALA A 270 26.23 -8.06 -37.37
N ILE A 271 25.56 -7.42 -38.32
CA ILE A 271 24.35 -6.67 -38.00
C ILE A 271 23.21 -7.62 -37.68
N GLU A 272 23.21 -8.80 -38.30
CA GLU A 272 22.10 -9.74 -38.11
C GLU A 272 22.08 -10.28 -36.68
N ASP A 273 23.24 -10.71 -36.16
CA ASP A 273 23.26 -11.36 -34.85
C ASP A 273 22.99 -10.37 -33.73
N LYS A 274 23.51 -9.15 -33.82
CA LYS A 274 23.28 -8.16 -32.77
C LYS A 274 21.80 -7.80 -32.68
N LYS A 275 21.11 -7.77 -33.81
CA LYS A 275 19.66 -7.56 -33.80
C LYS A 275 18.95 -8.72 -33.12
N ARG A 276 19.44 -9.95 -33.32
CA ARG A 276 18.81 -11.11 -32.69
C ARG A 276 18.89 -11.04 -31.18
N GLN A 277 20.04 -10.62 -30.64
CA GLN A 277 20.13 -10.40 -29.21
C GLN A 277 19.20 -9.28 -28.77
N PHE A 278 19.12 -8.21 -29.57
CA PHE A 278 18.11 -7.18 -29.33
C PHE A 278 16.71 -7.74 -29.46
N THR A 279 16.47 -8.60 -30.45
CA THR A 279 15.18 -9.26 -30.57
C THR A 279 14.90 -10.14 -29.36
N ALA A 280 15.94 -10.80 -28.84
CA ALA A 280 15.79 -11.59 -27.62
C ALA A 280 15.42 -10.71 -26.44
N ALA A 281 15.88 -9.45 -26.44
CA ALA A 281 15.53 -8.54 -25.36
C ALA A 281 14.02 -8.29 -25.33
N GLU A 282 13.40 -8.13 -26.50
CA GLU A 282 11.95 -7.97 -26.54
C GLU A 282 11.24 -9.30 -26.76
N LYS A 283 12.02 -10.38 -26.90
CA LYS A 283 11.39 -11.70 -27.06
C LYS A 283 10.62 -12.10 -25.81
N TYR A 284 11.25 -12.02 -24.64
CA TYR A 284 10.53 -12.34 -23.41
C TYR A 284 9.50 -11.27 -23.09
N LEU A 285 9.77 -10.02 -23.48
CA LEU A 285 8.80 -8.92 -23.38
C LEU A 285 8.28 -8.80 -21.95
N GLU A 286 9.21 -8.71 -21.00
CA GLU A 286 8.93 -8.50 -19.59
C GLU A 286 8.15 -9.64 -18.94
N GLU A 287 8.04 -10.80 -19.59
CA GLU A 287 7.29 -11.90 -18.98
C GLU A 287 7.97 -12.37 -17.70
N VAL A 288 9.30 -12.47 -17.71
CA VAL A 288 10.04 -12.71 -16.47
C VAL A 288 9.98 -11.49 -15.58
N LEU A 289 10.05 -10.29 -16.19
CA LEU A 289 9.93 -9.06 -15.42
C LEU A 289 8.57 -8.97 -14.72
N GLN A 290 7.52 -9.51 -15.35
CA GLN A 290 6.24 -9.62 -14.66
C GLN A 290 6.39 -10.44 -13.39
N SER A 291 7.05 -11.59 -13.48
CA SER A 291 7.30 -12.40 -12.29
C SER A 291 8.10 -11.64 -11.26
N ALA A 292 9.11 -10.89 -11.71
CA ALA A 292 9.80 -9.97 -10.81
C ALA A 292 8.83 -8.90 -10.29
N LEU A 293 7.94 -8.41 -11.17
CA LEU A 293 6.92 -7.47 -10.73
C LEU A 293 5.90 -8.15 -9.84
N GLU A 294 5.67 -9.45 -10.04
CA GLU A 294 4.76 -10.19 -9.16
C GLU A 294 5.28 -10.19 -7.73
N THR A 295 6.59 -10.40 -7.56
CA THR A 295 7.17 -10.41 -6.22
C THR A 295 7.00 -9.06 -5.53
N ASN A 296 7.05 -7.97 -6.30
CA ASN A 296 6.79 -6.66 -5.73
C ASN A 296 5.30 -6.46 -5.47
N ASP A 297 4.44 -6.96 -6.37
CA ASP A 297 3.00 -6.79 -6.22
C ASP A 297 2.46 -7.68 -5.12
N GLU A 298 2.95 -8.91 -5.01
CA GLU A 298 2.52 -9.81 -3.95
C GLU A 298 3.62 -10.77 -3.54
N LYS B 322 -3.74 38.83 -1.31
CA LYS B 322 -2.72 37.79 -1.36
C LYS B 322 -2.72 36.94 -0.08
N THR B 323 -3.12 37.57 1.03
CA THR B 323 -3.15 36.85 2.30
C THR B 323 -4.28 35.84 2.33
N TRP B 324 -5.43 36.17 1.75
CA TRP B 324 -6.56 35.24 1.75
C TRP B 324 -6.45 34.24 0.62
N LEU B 325 -5.94 34.68 -0.54
CA LEU B 325 -5.80 33.77 -1.68
C LEU B 325 -4.84 32.64 -1.36
N CYS B 326 -3.69 32.96 -0.76
CA CYS B 326 -2.83 31.91 -0.24
C CYS B 326 -3.25 31.59 1.19
N LYS B 327 -2.58 30.59 1.78
CA LYS B 327 -2.87 29.96 3.07
C LYS B 327 -4.26 29.33 3.04
N ARG B 328 -4.99 29.60 1.95
CA ARG B 328 -5.86 28.58 1.36
C ARG B 328 -5.07 27.80 0.33
N CYS B 329 -4.05 28.44 -0.26
CA CYS B 329 -2.97 27.72 -0.91
C CYS B 329 -2.44 26.61 -0.03
N GLU B 330 -2.19 26.92 1.25
CA GLU B 330 -1.66 25.91 2.16
C GLU B 330 -2.70 24.85 2.50
N THR B 331 -3.98 25.21 2.49
CA THR B 331 -5.03 24.20 2.69
C THR B 331 -4.94 23.12 1.61
N MET B 332 -4.82 23.54 0.35
CA MET B 332 -4.66 22.58 -0.74
C MET B 332 -3.37 21.79 -0.58
N ASN B 333 -2.24 22.48 -0.41
CA ASN B 333 -0.96 21.79 -0.34
C ASN B 333 -0.90 20.85 0.86
N ALA B 334 -1.54 21.22 1.98
CA ALA B 334 -1.62 20.30 3.10
C ALA B 334 -2.45 19.07 2.76
N LYS B 335 -3.65 19.28 2.20
CA LYS B 335 -4.43 18.17 1.67
C LYS B 335 -3.65 17.44 0.59
N LEU B 336 -2.80 18.17 -0.12
CA LEU B 336 -1.93 17.56 -1.13
C LEU B 336 -0.85 16.71 -0.46
N ARG B 337 -0.64 16.90 0.84
CA ARG B 337 0.42 16.17 1.53
C ARG B 337 -0.15 15.10 2.46
N VAL B 338 -1.27 15.39 3.12
CA VAL B 338 -1.73 14.54 4.22
C VAL B 338 -1.92 13.10 3.75
N LEU B 339 -2.46 12.92 2.54
CA LEU B 339 -2.60 11.58 2.00
C LEU B 339 -1.38 11.16 1.20
N GLU B 340 -0.71 12.11 0.55
CA GLU B 340 0.40 11.77 -0.34
C GLU B 340 1.53 11.06 0.42
N ASN B 341 1.94 11.63 1.55
CA ASN B 341 3.05 11.04 2.30
C ASN B 341 2.70 9.66 2.83
N VAL B 342 1.52 9.52 3.44
CA VAL B 342 1.16 8.24 4.05
C VAL B 342 0.89 7.19 2.98
N LEU B 343 0.17 7.56 1.92
CA LEU B 343 -0.18 6.59 0.89
C LEU B 343 1.05 6.09 0.15
N LEU B 344 1.93 7.02 -0.26
CA LEU B 344 3.10 6.61 -1.02
C LEU B 344 4.05 5.77 -0.18
N LEU B 345 4.30 6.17 1.07
CA LEU B 345 5.32 5.54 1.89
C LEU B 345 5.09 4.04 2.01
N GLU B 346 3.85 3.63 2.28
CA GLU B 346 3.56 2.21 2.42
C GLU B 346 3.61 1.50 1.07
N THR B 347 3.42 2.23 -0.02
CA THR B 347 3.34 1.58 -1.34
C THR B 347 4.72 1.44 -1.97
N TYR B 348 5.45 2.55 -2.14
CA TYR B 348 6.66 2.49 -2.95
C TYR B 348 7.80 1.82 -2.20
N THR B 349 7.93 2.07 -0.89
CA THR B 349 9.10 1.59 -0.16
C THR B 349 9.32 0.08 -0.26
N PRO B 350 8.30 -0.79 -0.18
CA PRO B 350 8.59 -2.22 -0.40
C PRO B 350 9.03 -2.53 -1.83
N ASP B 351 8.76 -1.63 -2.77
CA ASP B 351 9.04 -1.87 -4.18
C ASP B 351 9.95 -0.83 -4.81
N SER B 352 10.36 0.20 -4.07
CA SER B 352 11.12 1.30 -4.67
C SER B 352 12.47 0.84 -5.19
N ILE B 353 13.21 0.05 -4.41
CA ILE B 353 14.53 -0.39 -4.83
C ILE B 353 14.44 -1.28 -6.06
N SER B 354 13.47 -2.19 -6.08
CA SER B 354 13.30 -3.08 -7.22
C SER B 354 12.69 -2.36 -8.41
N ALA B 355 12.00 -1.23 -8.16
CA ALA B 355 11.33 -0.52 -9.25
C ALA B 355 12.33 -0.03 -10.28
N LEU B 356 13.44 0.53 -9.85
CA LEU B 356 14.47 0.97 -10.78
C LEU B 356 15.23 -0.20 -11.37
N HIS B 357 15.54 -1.20 -10.53
CA HIS B 357 16.46 -2.27 -10.94
C HIS B 357 15.90 -3.06 -12.12
N ASN B 358 14.61 -3.38 -12.10
CA ASN B 358 14.06 -4.25 -13.14
C ASN B 358 14.06 -3.59 -14.51
N ILE B 359 14.28 -2.26 -14.56
CA ILE B 359 14.60 -1.64 -15.84
C ILE B 359 16.13 -1.58 -16.01
N ARG B 360 16.85 -1.39 -14.91
CA ARG B 360 18.31 -1.30 -14.98
C ARG B 360 18.91 -2.59 -15.55
N ASN B 361 18.39 -3.75 -15.13
CA ASN B 361 18.84 -5.00 -15.73
C ASN B 361 18.52 -5.06 -17.21
N TYR B 362 17.39 -4.46 -17.61
CA TYR B 362 17.09 -4.36 -19.04
C TYR B 362 17.94 -3.28 -19.69
N LEU B 363 18.34 -2.27 -18.93
CA LEU B 363 19.19 -1.21 -19.47
C LEU B 363 20.60 -1.72 -19.74
N VAL B 364 21.16 -2.50 -18.81
CA VAL B 364 22.54 -2.94 -18.95
C VAL B 364 22.67 -3.99 -20.06
N GLU B 365 21.65 -4.82 -20.24
CA GLU B 365 21.74 -5.85 -21.27
C GLU B 365 21.75 -5.23 -22.66
N ALA B 366 20.99 -4.16 -22.87
CA ALA B 366 21.10 -3.41 -24.11
C ALA B 366 22.41 -2.66 -24.18
N THR B 367 22.92 -2.20 -23.04
CA THR B 367 24.20 -1.51 -23.01
C THR B 367 25.36 -2.42 -23.40
N GLU B 368 25.39 -3.64 -22.82
CA GLU B 368 26.49 -4.55 -23.11
C GLU B 368 26.42 -5.06 -24.54
N GLU B 369 25.21 -5.22 -25.08
CA GLU B 369 25.07 -5.64 -26.47
C GLU B 369 25.62 -4.58 -27.42
N ALA B 370 25.36 -3.31 -27.13
CA ALA B 370 25.90 -2.23 -27.95
C ALA B 370 27.42 -2.15 -27.81
N SER B 371 27.95 -2.49 -26.63
CA SER B 371 29.40 -2.48 -26.46
C SER B 371 30.08 -3.50 -27.36
N ALA B 372 29.55 -4.73 -27.40
CA ALA B 372 29.99 -5.69 -28.40
C ALA B 372 29.67 -5.19 -29.80
N ALA B 373 28.62 -4.37 -29.92
CA ALA B 373 28.21 -3.88 -31.23
C ALA B 373 29.20 -2.84 -31.76
N TYR B 374 29.81 -2.05 -30.88
CA TYR B 374 31.01 -1.31 -31.29
C TYR B 374 32.13 -2.28 -31.65
N ASN B 375 32.31 -3.33 -30.84
CA ASN B 375 33.33 -4.34 -31.14
C ASN B 375 33.06 -4.97 -32.49
N LYS B 376 31.81 -5.29 -32.79
CA LYS B 376 31.45 -5.75 -34.12
C LYS B 376 31.66 -4.64 -35.15
N ALA B 377 31.34 -3.40 -34.79
CA ALA B 377 31.69 -2.27 -35.64
C ALA B 377 33.20 -2.10 -35.73
N VAL B 378 33.91 -2.29 -34.61
CA VAL B 378 35.37 -2.31 -34.64
C VAL B 378 35.85 -3.50 -35.45
N THR B 379 35.13 -4.63 -35.37
CA THR B 379 35.44 -5.76 -36.25
C THR B 379 35.28 -5.37 -37.72
N ARG B 380 34.30 -4.51 -38.01
CA ARG B 380 34.18 -3.98 -39.37
C ARG B 380 35.32 -3.01 -39.67
N LEU B 381 35.80 -2.29 -38.65
CA LEU B 381 37.07 -1.59 -38.79
C LEU B 381 38.24 -2.57 -38.84
N ARG B 382 38.13 -3.67 -38.08
CA ARG B 382 39.18 -4.69 -38.10
C ARG B 382 39.25 -5.39 -39.45
N GLU B 383 38.09 -5.73 -40.03
CA GLU B 383 38.12 -6.35 -41.36
C GLU B 383 38.60 -5.35 -42.40
N TYR B 384 38.43 -4.05 -42.14
CA TYR B 384 39.04 -3.04 -43.00
C TYR B 384 40.56 -3.12 -42.93
N GLN B 385 41.10 -3.39 -41.73
CA GLN B 385 42.52 -3.72 -41.65
C GLN B 385 42.84 -4.97 -42.43
N GLY B 386 41.88 -5.90 -42.52
CA GLY B 386 42.04 -7.04 -43.42
C GLY B 386 41.79 -6.67 -44.86
N VAL B 387 41.00 -5.61 -45.09
CA VAL B 387 40.82 -5.09 -46.45
C VAL B 387 42.09 -4.38 -46.91
N ASP B 388 42.90 -3.90 -45.97
CA ASP B 388 44.14 -3.21 -46.34
C ASP B 388 45.07 -4.06 -47.20
N PRO B 389 45.32 -5.34 -46.90
CA PRO B 389 46.05 -6.16 -47.89
C PRO B 389 45.34 -6.25 -49.22
N HIS B 390 44.01 -6.21 -49.23
CA HIS B 390 43.29 -6.13 -50.50
C HIS B 390 43.33 -4.71 -51.06
N PHE B 391 43.42 -3.71 -50.18
CA PHE B 391 43.33 -2.32 -50.61
C PHE B 391 44.50 -1.92 -51.50
N ASP B 392 45.63 -2.61 -51.36
CA ASP B 392 46.79 -2.29 -52.19
C ASP B 392 46.52 -2.59 -53.66
N THR B 393 45.79 -3.66 -53.94
CA THR B 393 45.43 -4.00 -55.31
C THR B 393 44.48 -2.95 -55.87
N ILE B 394 44.84 -2.39 -57.03
CA ILE B 394 44.10 -1.25 -57.57
C ILE B 394 42.69 -1.66 -57.98
N ALA B 395 42.54 -2.88 -58.52
CA ALA B 395 41.26 -3.30 -59.07
C ALA B 395 40.15 -3.26 -58.02
N ARG B 396 40.38 -3.89 -56.87
CA ARG B 396 39.36 -3.89 -55.83
C ARG B 396 39.40 -2.61 -55.00
N GLN B 397 40.53 -1.91 -55.02
CA GLN B 397 40.63 -0.65 -54.27
C GLN B 397 39.62 0.38 -54.79
N TYR B 398 39.53 0.52 -56.12
CA TYR B 398 38.52 1.41 -56.69
C TYR B 398 37.13 0.98 -56.25
N HIS B 399 36.89 -0.32 -56.17
CA HIS B 399 35.68 -0.81 -55.54
C HIS B 399 35.68 -0.50 -54.05
N ASP B 400 36.82 -0.70 -53.37
CA ASP B 400 36.87 -0.51 -51.93
C ASP B 400 36.60 0.94 -51.53
N ILE B 401 37.18 1.90 -52.26
CA ILE B 401 37.10 3.29 -51.83
C ILE B 401 35.63 3.76 -51.78
N VAL B 402 34.84 3.38 -52.77
CA VAL B 402 33.40 3.69 -52.70
C VAL B 402 32.73 2.79 -51.67
N LYS B 403 33.20 1.55 -51.54
CA LYS B 403 32.69 0.68 -50.48
C LYS B 403 33.08 1.19 -49.10
N LYS B 404 34.31 1.70 -48.96
CA LYS B 404 34.67 2.37 -47.71
C LYS B 404 33.81 3.61 -47.50
N LEU B 405 33.52 4.35 -48.57
CA LEU B 405 32.51 5.39 -48.48
C LEU B 405 31.16 4.81 -48.12
N GLU B 406 30.80 3.68 -48.73
CA GLU B 406 29.62 2.94 -48.29
C GLU B 406 29.79 2.44 -46.87
N ASN B 407 30.97 1.91 -46.53
CA ASN B 407 31.23 1.46 -45.18
C ASN B 407 31.15 2.62 -44.19
N MET B 408 31.69 3.78 -44.57
CA MET B 408 31.50 4.98 -43.76
C MET B 408 30.03 5.23 -43.51
N GLN B 409 29.22 5.27 -44.58
CA GLN B 409 27.78 5.44 -44.43
C GLN B 409 27.15 4.24 -43.72
N TRP B 410 27.65 3.04 -44.00
CA TRP B 410 27.08 1.84 -43.39
C TRP B 410 27.19 1.88 -41.87
N THR B 411 28.17 2.63 -41.35
CA THR B 411 28.34 2.71 -39.90
C THR B 411 27.15 3.38 -39.22
N ILE B 412 26.66 4.49 -39.78
CA ILE B 412 25.75 5.36 -39.05
C ILE B 412 24.49 4.61 -38.62
N HIS B 413 23.83 3.92 -39.54
CA HIS B 413 22.61 3.22 -39.15
C HIS B 413 22.94 2.06 -38.22
N GLN B 414 24.13 1.48 -38.37
CA GLN B 414 24.57 0.47 -37.41
C GLN B 414 25.03 1.11 -36.11
N VAL B 415 25.65 2.29 -36.19
CA VAL B 415 26.10 2.99 -34.98
C VAL B 415 24.90 3.57 -34.23
N GLU B 416 23.93 4.15 -34.96
CA GLU B 416 22.75 4.69 -34.28
C GLU B 416 21.96 3.58 -33.59
N MET B 417 22.14 2.34 -34.05
CA MET B 417 21.75 1.20 -33.24
C MET B 417 22.58 1.11 -31.96
N ASP B 418 23.88 1.34 -32.08
CA ASP B 418 24.79 1.05 -30.98
C ASP B 418 24.87 2.22 -30.00
N LEU B 419 24.54 3.42 -30.48
CA LEU B 419 24.68 4.61 -29.65
C LEU B 419 23.63 4.64 -28.53
N LYS B 420 22.35 4.62 -28.90
CA LYS B 420 21.30 4.77 -27.91
C LYS B 420 21.10 3.50 -27.09
N SER B 421 21.61 2.36 -27.58
CA SER B 421 21.45 1.12 -26.85
C SER B 421 22.21 1.14 -25.54
N HIS B 422 23.35 1.86 -25.50
CA HIS B 422 23.98 2.15 -24.21
C HIS B 422 23.07 3.00 -23.34
N ASP B 423 22.41 3.99 -23.93
CA ASP B 423 21.53 4.89 -23.19
C ASP B 423 20.25 4.19 -22.77
N MET C 1 1.59 9.28 26.91
CA MET C 1 0.59 8.30 26.49
C MET C 1 0.43 8.30 24.98
N GLN C 2 -0.39 9.24 24.47
CA GLN C 2 -0.61 9.33 23.04
C GLN C 2 0.58 9.97 22.33
N SER C 3 1.26 10.91 23.00
CA SER C 3 2.36 11.62 22.37
C SER C 3 3.51 10.68 22.01
N LEU C 4 3.87 9.78 22.91
CA LEU C 4 4.95 8.84 22.69
C LEU C 4 4.42 7.41 22.81
N SER C 5 4.67 6.59 21.79
CA SER C 5 4.21 5.21 21.82
C SER C 5 4.92 4.41 22.91
N SER C 6 6.21 4.66 23.10
CA SER C 6 6.97 3.90 24.10
C SER C 6 6.59 4.32 25.52
N SER C 7 6.05 5.54 25.68
CA SER C 7 5.73 6.03 27.01
C SER C 7 4.48 5.35 27.57
N ALA C 8 3.49 5.11 26.71
CA ALA C 8 2.20 4.60 27.19
C ALA C 8 2.27 3.24 27.88
N PRO C 9 2.93 2.20 27.36
CA PRO C 9 2.77 0.88 27.97
C PRO C 9 3.65 0.66 29.19
N THR C 10 4.67 1.49 29.39
CA THR C 10 5.54 1.29 30.55
C THR C 10 4.80 1.42 31.89
N PRO C 11 3.91 2.40 32.12
CA PRO C 11 3.04 2.28 33.30
C PRO C 11 2.15 1.05 33.25
N GLU C 12 1.68 0.67 32.06
CA GLU C 12 0.83 -0.51 31.94
C GLU C 12 1.63 -1.79 32.18
N ALA C 13 2.87 -1.84 31.68
CA ALA C 13 3.67 -3.06 31.82
C ALA C 13 3.90 -3.40 33.29
N ILE C 14 4.15 -2.38 34.12
CA ILE C 14 4.32 -2.60 35.54
C ILE C 14 2.97 -2.68 36.24
N LEU C 15 1.90 -2.26 35.56
CA LEU C 15 0.61 -2.09 36.21
C LEU C 15 0.08 -3.40 36.76
N GLU C 16 0.15 -4.48 35.99
CA GLU C 16 -0.34 -5.77 36.48
C GLU C 16 0.43 -6.21 37.72
N TRP C 17 1.72 -5.87 37.79
CA TRP C 17 2.45 -6.07 39.04
C TRP C 17 2.05 -5.01 40.06
N LEU C 18 1.87 -3.77 39.61
CA LEU C 18 1.54 -2.68 40.53
C LEU C 18 0.21 -2.92 41.21
N GLN C 19 -0.83 -3.29 40.44
CA GLN C 19 -2.18 -3.32 41.00
C GLN C 19 -2.29 -4.27 42.18
N LYS C 20 -1.59 -5.40 42.11
CA LYS C 20 -1.66 -6.35 43.21
C LYS C 20 -0.81 -5.88 44.39
N GLU C 21 0.32 -5.23 44.11
CA GLU C 21 1.17 -4.76 45.20
C GLU C 21 0.74 -3.39 45.69
N MET C 22 -0.13 -2.70 44.94
CA MET C 22 -0.94 -1.65 45.55
C MET C 22 -1.78 -2.22 46.68
N GLY C 23 -2.34 -3.41 46.48
CA GLY C 23 -2.97 -4.11 47.59
C GLY C 23 -1.96 -4.63 48.60
N TYR C 24 -0.72 -4.85 48.14
CA TYR C 24 0.31 -5.34 49.06
C TYR C 24 1.04 -4.20 49.76
N ARG C 25 0.79 -2.95 49.35
CA ARG C 25 1.49 -1.84 49.98
C ARG C 25 0.68 -1.23 51.11
N GLN C 26 -0.64 -1.38 51.08
CA GLN C 26 -1.47 -0.71 52.07
C GLN C 26 -1.13 -1.21 53.47
N LEU C 27 -0.70 -0.28 54.33
CA LEU C 27 -0.36 -0.46 55.74
C LEU C 27 0.98 -1.20 55.82
N GLY C 28 1.81 -1.14 54.78
CA GLY C 28 3.12 -1.73 54.83
C GLY C 28 4.06 -1.15 53.79
N PRO C 29 5.25 -0.69 54.24
CA PRO C 29 6.20 -0.12 53.28
C PRO C 29 6.60 -1.11 52.19
N TYR C 30 6.83 -2.37 52.56
CA TYR C 30 6.97 -3.47 51.62
C TYR C 30 6.17 -4.64 52.15
N ASN C 31 5.59 -5.42 51.23
CA ASN C 31 4.69 -6.50 51.64
C ASN C 31 5.41 -7.53 52.50
N GLY C 32 6.61 -7.97 52.07
CA GLY C 32 7.35 -8.93 52.86
C GLY C 32 7.89 -8.35 54.15
N SER C 33 8.34 -7.10 54.12
CA SER C 33 9.07 -6.53 55.25
C SER C 33 8.15 -6.30 56.45
N SER C 34 6.94 -5.81 56.22
CA SER C 34 6.04 -5.35 57.27
C SER C 34 5.12 -6.50 57.69
N LYS C 35 5.05 -6.74 59.00
CA LYS C 35 4.14 -7.74 59.53
C LYS C 35 2.71 -7.18 59.61
N SER C 36 2.57 -5.86 59.58
CA SER C 36 1.25 -5.26 59.76
C SER C 36 0.35 -5.53 58.56
N HIS C 37 0.94 -5.81 57.41
CA HIS C 37 0.14 -5.93 56.20
C HIS C 37 -0.63 -7.24 56.15
N VAL C 38 0.02 -8.34 56.54
CA VAL C 38 -0.55 -9.67 56.26
C VAL C 38 -1.91 -9.89 56.94
N PRO C 39 -2.24 -9.26 58.08
CA PRO C 39 -3.63 -9.38 58.55
C PRO C 39 -4.62 -8.57 57.70
N SER C 40 -4.18 -7.46 57.10
CA SER C 40 -5.13 -6.61 56.38
C SER C 40 -5.72 -7.34 55.17
N ILE C 41 -4.89 -8.06 54.43
CA ILE C 41 -5.40 -8.85 53.31
C ILE C 41 -5.89 -10.20 53.81
N ASP C 42 -6.89 -10.75 53.13
CA ASP C 42 -7.47 -12.04 53.49
C ASP C 42 -7.15 -13.05 52.38
N ALA C 43 -6.87 -14.28 52.78
CA ALA C 43 -6.50 -15.31 51.81
C ALA C 43 -7.63 -15.58 50.83
N ILE C 44 -8.86 -15.67 51.32
CA ILE C 44 -10.04 -15.92 50.49
C ILE C 44 -11.09 -14.86 50.80
N ARG C 45 -11.80 -14.42 49.76
CA ARG C 45 -12.87 -13.42 49.91
C ARG C 45 -12.35 -12.16 50.57
N LYS C 46 -11.19 -11.69 50.11
CA LYS C 46 -10.56 -10.53 50.73
C LYS C 46 -11.37 -9.26 50.47
N ILE C 47 -11.17 -8.26 51.32
CA ILE C 47 -11.91 -7.00 51.20
C ILE C 47 -11.56 -6.31 49.90
N CYS C 48 -10.32 -6.42 49.45
CA CYS C 48 -9.93 -5.86 48.15
C CYS C 48 -10.71 -6.52 47.03
N ARG C 49 -10.91 -7.84 47.10
CA ARG C 49 -11.77 -8.52 46.15
C ARG C 49 -13.23 -8.14 46.36
N GLY C 50 -13.56 -7.55 47.50
CA GLY C 50 -14.93 -7.16 47.77
C GLY C 50 -15.29 -5.83 47.14
N ASN C 51 -14.45 -4.81 47.31
CA ASN C 51 -14.73 -3.48 46.79
C ASN C 51 -13.69 -3.01 45.80
N MET C 52 -12.40 -3.08 46.15
CA MET C 52 -11.37 -2.48 45.31
C MET C 52 -11.26 -3.17 43.95
N ILE C 53 -11.16 -4.49 43.94
CA ILE C 53 -11.09 -5.22 42.68
C ILE C 53 -12.37 -5.06 41.87
N PRO C 54 -13.58 -5.20 42.44
CA PRO C 54 -14.79 -4.90 41.64
C PRO C 54 -14.80 -3.47 41.09
N ILE C 55 -14.33 -2.50 41.87
CA ILE C 55 -14.18 -1.14 41.35
C ILE C 55 -13.14 -1.15 40.22
N TRP C 56 -12.03 -1.86 40.41
CA TRP C 56 -11.08 -2.07 39.33
C TRP C 56 -11.71 -2.89 38.21
N ASN C 57 -12.48 -3.92 38.56
CA ASN C 57 -13.18 -4.71 37.54
C ASN C 57 -14.20 -3.85 36.80
N PHE C 58 -14.90 -2.96 37.53
CA PHE C 58 -15.70 -1.95 36.86
C PHE C 58 -14.82 -1.09 35.96
N LEU C 59 -13.62 -0.75 36.43
CA LEU C 59 -12.69 0.03 35.61
C LEU C 59 -12.21 -0.77 34.40
N ILE C 60 -11.93 -2.07 34.58
CA ILE C 60 -11.39 -2.89 33.50
C ILE C 60 -12.29 -2.82 32.28
N ASN C 61 -13.60 -2.89 32.48
CA ASN C 61 -14.54 -2.75 31.38
C ASN C 61 -14.36 -1.41 30.66
N ARG C 62 -13.94 -0.37 31.38
CA ARG C 62 -13.62 0.90 30.76
C ARG C 62 -12.12 1.05 30.52
N VAL C 63 -11.29 0.44 31.36
CA VAL C 63 -9.85 0.47 31.14
C VAL C 63 -9.49 -0.26 29.85
N LYS C 64 -10.05 -1.45 29.64
CA LYS C 64 -9.81 -2.16 28.39
C LYS C 64 -10.34 -1.37 27.21
N SER C 65 -11.36 -0.53 27.45
CA SER C 65 -11.82 0.38 26.40
C SER C 65 -10.80 1.47 26.13
N GLU C 66 -10.29 2.12 27.17
CA GLU C 66 -9.30 3.18 26.96
C GLU C 66 -7.96 2.60 26.55
N LYS C 67 -7.61 1.42 27.06
CA LYS C 67 -6.42 0.73 26.57
C LYS C 67 -6.55 0.39 25.10
N THR C 68 -7.73 -0.08 24.68
CA THR C 68 -7.96 -0.36 23.26
C THR C 68 -7.66 0.87 22.40
N VAL C 69 -8.13 2.04 22.85
CA VAL C 69 -7.74 3.28 22.19
C VAL C 69 -6.27 3.58 22.43
N GLU C 70 -5.76 3.25 23.63
CA GLU C 70 -4.36 3.51 23.94
C GLU C 70 -3.44 2.70 23.03
N ARG C 71 -3.79 1.43 22.77
CA ARG C 71 -3.06 0.67 21.75
C ARG C 71 -3.15 1.36 20.39
N ILE C 72 -4.34 1.85 20.04
CA ILE C 72 -4.47 2.65 18.83
C ILE C 72 -3.67 3.94 18.94
N ARG C 73 -3.72 4.58 20.10
CA ARG C 73 -2.93 5.79 20.32
C ARG C 73 -1.45 5.51 20.14
N ARG C 74 -0.98 4.36 20.61
CA ARG C 74 0.41 3.96 20.36
C ARG C 74 0.62 3.63 18.89
N ASN C 75 -0.33 2.92 18.28
CA ASN C 75 -0.15 2.43 16.92
C ASN C 75 -0.16 3.56 15.89
N ILE C 76 -0.99 4.58 16.12
CA ILE C 76 -1.12 5.66 15.16
C ILE C 76 0.20 6.42 15.01
N THR C 77 0.87 6.69 16.13
CA THR C 77 2.11 7.48 16.09
C THR C 77 3.21 6.74 15.34
N VAL C 78 3.40 5.46 15.64
CA VAL C 78 4.46 4.69 14.97
C VAL C 78 4.12 4.46 13.51
N HIS C 79 2.85 4.17 13.21
CA HIS C 79 2.39 4.00 11.84
C HIS C 79 1.05 4.69 11.68
N GLY C 80 0.99 5.69 10.81
CA GLY C 80 -0.21 6.47 10.59
C GLY C 80 -1.09 5.83 9.55
N GLY C 81 -2.34 5.56 9.93
CA GLY C 81 -3.32 5.01 9.02
C GLY C 81 -4.63 5.76 9.05
N SER C 82 -4.97 6.38 7.92
CA SER C 82 -6.20 7.16 7.81
C SER C 82 -6.94 6.77 6.53
N SER C 83 -8.14 6.22 6.70
CA SER C 83 -9.00 5.83 5.58
C SER C 83 -8.27 4.90 4.62
N ASN C 84 -7.53 3.95 5.17
CA ASN C 84 -6.79 2.93 4.40
C ASN C 84 -5.86 3.68 3.44
N ALA C 85 -5.90 3.38 2.14
CA ALA C 85 -5.07 4.10 1.18
C ALA C 85 -5.77 5.37 0.71
N LEU C 729 2.83 43.84 -8.62
CA LEU C 729 3.66 42.83 -9.28
C LEU C 729 3.75 41.51 -8.49
N PRO C 730 4.07 41.56 -7.19
CA PRO C 730 4.14 40.30 -6.42
C PRO C 730 2.83 39.53 -6.40
N GLU C 731 1.69 40.22 -6.40
CA GLU C 731 0.41 39.53 -6.39
C GLU C 731 0.22 38.70 -7.65
N LEU C 732 0.64 39.24 -8.80
CA LEU C 732 0.63 38.45 -10.03
C LEU C 732 1.54 37.24 -9.91
N ARG C 733 2.71 37.41 -9.29
CA ARG C 733 3.61 36.28 -9.08
C ARG C 733 2.96 35.21 -8.21
N THR C 734 2.24 35.62 -7.17
CA THR C 734 1.52 34.64 -6.36
C THR C 734 0.49 33.89 -7.20
N ALA C 735 -0.20 34.60 -8.10
CA ALA C 735 -1.04 33.92 -9.07
C ALA C 735 -0.22 33.01 -9.97
N VAL C 736 0.96 33.49 -10.39
CA VAL C 736 1.88 32.63 -11.14
C VAL C 736 2.37 31.48 -10.27
N GLN C 737 2.76 31.78 -9.02
CA GLN C 737 3.21 30.73 -8.11
C GLN C 737 2.15 29.65 -7.94
N ASN C 738 0.87 30.02 -8.04
CA ASN C 738 -0.19 29.02 -7.99
C ASN C 738 -0.17 28.14 -9.23
N ALA C 739 0.31 28.68 -10.36
CA ALA C 739 0.36 27.89 -11.59
C ALA C 739 1.32 26.71 -11.45
N GLN C 740 2.52 26.94 -10.92
CA GLN C 740 3.39 25.81 -10.61
C GLN C 740 2.78 24.95 -9.52
N ALA C 741 2.08 25.57 -8.56
CA ALA C 741 1.31 24.80 -7.59
C ALA C 741 0.21 24.00 -8.27
N SER C 742 -0.52 24.62 -9.21
CA SER C 742 -1.45 23.88 -10.05
C SER C 742 -0.73 22.84 -10.90
N SER C 743 0.44 23.19 -11.43
CA SER C 743 1.23 22.17 -12.11
C SER C 743 1.64 21.07 -11.14
N GLU C 744 1.84 21.41 -9.87
CA GLU C 744 2.40 20.45 -8.92
C GLU C 744 1.38 19.39 -8.53
N HIS C 745 0.10 19.75 -8.34
CA HIS C 745 -0.83 18.72 -7.92
C HIS C 745 -1.13 17.75 -9.05
N CYS C 746 -1.17 18.23 -10.28
CA CYS C 746 -1.36 17.33 -11.41
C CYS C 746 -0.23 16.31 -11.48
N LYS C 747 0.99 16.74 -11.14
CA LYS C 747 2.05 15.76 -10.90
C LYS C 747 1.72 14.88 -9.71
N TYR C 748 1.20 15.47 -8.62
CA TYR C 748 0.74 14.68 -7.49
C TYR C 748 -0.45 13.81 -7.87
N VAL C 749 -1.41 14.36 -8.61
CA VAL C 749 -2.51 13.56 -9.13
C VAL C 749 -1.97 12.42 -9.99
N ARG C 750 -1.04 12.75 -10.89
CA ARG C 750 -0.32 11.71 -11.61
C ARG C 750 0.52 10.87 -10.66
N GLY C 751 1.13 11.52 -9.67
CA GLY C 751 1.94 10.78 -8.70
C GLY C 751 1.09 9.89 -7.80
N LEU C 752 -0.23 10.10 -7.80
CA LEU C 752 -1.10 9.23 -7.02
C LEU C 752 -1.23 7.86 -7.68
N LEU C 753 -1.15 7.81 -9.02
CA LEU C 753 -1.27 6.55 -9.74
C LEU C 753 -0.03 6.21 -10.56
N ASP C 754 1.02 7.02 -10.50
CA ASP C 754 2.17 6.77 -11.36
C ASP C 754 2.84 5.44 -11.02
N GLU C 755 2.96 5.13 -9.72
CA GLU C 755 3.49 3.83 -9.33
C GLU C 755 2.53 2.72 -9.76
N TRP C 756 1.23 2.93 -9.55
CA TRP C 756 0.19 1.98 -9.96
C TRP C 756 -1.17 2.63 -9.77
N TRP C 757 -2.07 2.35 -10.71
CA TRP C 757 -3.50 2.64 -10.56
C TRP C 757 -4.35 1.38 -10.50
N GLU C 758 -3.79 0.23 -10.84
CA GLU C 758 -4.50 -1.04 -10.77
C GLU C 758 -4.37 -1.68 -9.40
N GLN C 759 -3.18 -1.59 -8.78
CA GLN C 759 -2.98 -2.23 -7.48
C GLN C 759 -3.61 -1.44 -6.34
N PRO C 760 -3.26 -0.17 -6.10
CA PRO C 760 -3.88 0.52 -4.95
C PRO C 760 -5.38 0.65 -5.06
N ALA C 761 -5.91 0.92 -6.25
CA ALA C 761 -7.34 1.10 -6.41
C ALA C 761 -8.08 -0.23 -6.22
N SER C 762 -7.50 -1.32 -6.68
CA SER C 762 -8.14 -2.62 -6.51
C SER C 762 -7.68 -3.34 -5.24
N THR C 763 -6.73 -2.79 -4.49
CA THR C 763 -6.26 -3.41 -3.25
C THR C 763 -5.55 -2.35 -2.42
N VAL C 764 -6.07 -2.07 -1.23
CA VAL C 764 -5.39 -1.20 -0.28
C VAL C 764 -4.07 -1.85 0.11
N VAL C 765 -4.11 -3.14 0.44
CA VAL C 765 -2.93 -3.85 0.92
C VAL C 765 -2.79 -5.22 0.24
N ASP C 766 -1.89 -5.31 -0.74
CA ASP C 766 -1.67 -6.57 -1.42
C ASP C 766 -0.39 -7.25 -0.93
N TRP C 767 0.71 -6.51 -0.86
CA TRP C 767 1.96 -7.04 -0.36
C TRP C 767 2.50 -6.26 0.83
N VAL C 768 1.84 -5.17 1.23
CA VAL C 768 2.22 -4.41 2.41
C VAL C 768 2.00 -5.31 3.63
N THR C 769 2.60 -4.95 4.77
CA THR C 769 2.83 -5.90 5.86
C THR C 769 1.57 -6.66 6.26
N VAL C 770 0.46 -5.95 6.49
CA VAL C 770 -0.74 -6.58 7.04
C VAL C 770 -1.38 -7.44 5.96
N ASP C 771 -1.31 -8.76 6.16
CA ASP C 771 -1.88 -9.81 5.33
C ASP C 771 -1.17 -9.90 3.97
N GLY C 772 -0.29 -8.94 3.63
CA GLY C 772 0.42 -9.02 2.37
C GLY C 772 1.38 -10.19 2.31
N GLN C 773 2.09 -10.47 3.41
CA GLN C 773 2.92 -11.66 3.47
C GLN C 773 2.06 -12.93 3.48
N SER C 774 0.83 -12.82 4.00
CA SER C 774 -0.06 -13.98 4.04
C SER C 774 -0.42 -14.46 2.64
N VAL C 775 -0.73 -13.53 1.72
CA VAL C 775 -0.98 -13.93 0.35
C VAL C 775 0.32 -14.41 -0.31
N ALA C 776 1.45 -13.84 0.12
CA ALA C 776 2.74 -14.33 -0.35
C ALA C 776 3.05 -15.70 0.24
N ALA C 777 2.69 -15.91 1.50
CA ALA C 777 2.92 -17.22 2.12
C ALA C 777 2.11 -18.30 1.43
N TRP C 778 0.87 -18.00 1.07
CA TRP C 778 0.06 -18.97 0.34
C TRP C 778 0.42 -18.88 -1.15
N GLN C 779 -0.07 -19.84 -1.93
CA GLN C 779 0.28 -19.93 -3.34
C GLN C 779 -0.05 -18.64 -4.11
N ASN C 780 -1.30 -18.18 -4.04
CA ASN C 780 -1.70 -17.01 -4.81
C ASN C 780 -2.30 -15.87 -4.00
N HIS C 781 -3.24 -16.14 -3.10
CA HIS C 781 -3.93 -15.06 -2.38
C HIS C 781 -4.85 -15.65 -1.31
N VAL C 782 -5.03 -14.93 -0.20
CA VAL C 782 -5.75 -15.50 0.95
C VAL C 782 -7.22 -15.70 0.63
N LYS C 783 -7.71 -15.13 -0.47
CA LYS C 783 -9.10 -15.40 -0.86
C LYS C 783 -9.31 -16.86 -1.21
N GLN C 784 -8.26 -17.54 -1.64
CA GLN C 784 -8.41 -18.89 -2.18
C GLN C 784 -9.00 -19.85 -1.15
N LEU C 785 -8.77 -19.61 0.13
CA LEU C 785 -9.44 -20.42 1.16
C LEU C 785 -10.95 -20.23 1.09
N LEU C 786 -11.41 -19.00 0.81
CA LEU C 786 -12.81 -18.78 0.49
C LEU C 786 -13.18 -19.41 -0.86
N ALA C 787 -12.19 -19.86 -1.63
CA ALA C 787 -12.48 -20.57 -2.86
C ALA C 787 -12.36 -22.08 -2.71
N PHE C 788 -11.80 -22.59 -1.60
CA PHE C 788 -11.69 -24.04 -1.44
C PHE C 788 -12.94 -24.67 -0.84
N TYR C 789 -13.63 -23.98 0.08
CA TYR C 789 -14.70 -24.68 0.79
C TYR C 789 -15.82 -25.07 -0.17
N ASP C 790 -16.00 -24.31 -1.25
CA ASP C 790 -16.93 -24.72 -2.30
C ASP C 790 -16.25 -25.61 -3.35
N LYS C 791 -14.92 -25.75 -3.30
CA LYS C 791 -14.28 -26.78 -4.11
C LYS C 791 -14.67 -28.17 -3.64
N GLU C 792 -14.86 -28.35 -2.32
CA GLU C 792 -15.36 -29.61 -1.81
C GLU C 792 -16.72 -29.94 -2.39
N SER C 793 -17.55 -28.92 -2.61
CA SER C 793 -18.80 -29.10 -3.34
C SER C 793 -18.55 -29.22 -4.84
N LEU C 794 -17.46 -28.63 -5.35
CA LEU C 794 -17.17 -28.72 -6.78
C LEU C 794 -16.78 -30.15 -7.17
N ARG C 795 -15.88 -30.77 -6.40
CA ARG C 795 -15.44 -32.13 -6.71
C ARG C 795 -16.56 -33.16 -6.57
N THR C 796 -17.63 -32.84 -5.85
CA THR C 796 -18.75 -33.76 -5.71
C THR C 796 -19.92 -33.30 -6.56
N MET D 1 -34.68 -5.77 43.34
CA MET D 1 -33.34 -5.73 43.90
C MET D 1 -32.46 -6.77 43.21
N SER D 2 -32.45 -7.99 43.75
CA SER D 2 -31.71 -9.07 43.10
C SER D 2 -32.57 -9.80 42.07
N SER D 3 -33.89 -9.71 42.23
CA SER D 3 -34.79 -10.29 41.23
C SER D 3 -34.60 -9.62 39.87
N ALA D 4 -34.49 -8.28 39.86
CA ALA D 4 -34.27 -7.57 38.61
C ALA D 4 -32.79 -7.62 38.21
N ARG D 5 -31.91 -7.99 39.15
CA ARG D 5 -30.48 -7.99 38.87
C ARG D 5 -30.13 -8.99 37.77
N LEU D 6 -30.71 -10.19 37.82
CA LEU D 6 -30.46 -11.16 36.75
C LEU D 6 -31.06 -10.70 35.44
N CYS D 7 -32.13 -9.92 35.50
CA CYS D 7 -32.63 -9.25 34.30
C CYS D 7 -31.75 -8.07 33.94
N SER D 8 -31.09 -7.46 34.95
CA SER D 8 -30.24 -6.31 34.69
C SER D 8 -28.88 -6.72 34.16
N LEU D 9 -28.47 -7.97 34.40
CA LEU D 9 -27.11 -8.37 34.05
C LEU D 9 -26.92 -8.42 32.54
N VAL D 10 -27.99 -8.68 31.78
CA VAL D 10 -27.86 -8.80 30.34
C VAL D 10 -27.48 -7.46 29.71
N ALA D 11 -28.07 -6.37 30.21
CA ALA D 11 -27.76 -5.03 29.74
C ALA D 11 -28.40 -4.03 30.69
N GLU D 12 -27.95 -2.78 30.62
CA GLU D 12 -28.47 -1.74 31.48
C GLU D 12 -29.19 -0.64 30.71
N LEU D 13 -28.63 -0.17 29.59
CA LEU D 13 -29.29 0.88 28.81
C LEU D 13 -30.57 0.38 28.17
N GLY D 14 -30.55 -0.84 27.64
CA GLY D 14 -31.76 -1.40 27.05
C GLY D 14 -32.74 -1.88 28.10
N TYR D 15 -32.32 -1.90 29.36
CA TYR D 15 -33.16 -2.48 30.40
C TYR D 15 -34.37 -1.60 30.71
N GLU D 16 -34.18 -0.27 30.78
CA GLU D 16 -35.25 0.60 31.24
C GLU D 16 -36.47 0.52 30.32
N GLY D 17 -36.26 0.20 29.04
CA GLY D 17 -37.39 0.03 28.14
C GLY D 17 -38.34 -1.05 28.61
N ALA D 18 -37.79 -2.20 29.01
CA ALA D 18 -38.62 -3.24 29.62
C ALA D 18 -38.63 -3.12 31.14
N GLY D 19 -37.69 -2.37 31.70
CA GLY D 19 -37.53 -2.34 33.15
C GLY D 19 -38.75 -1.81 33.88
N LYS D 20 -39.51 -0.93 33.23
CA LYS D 20 -40.75 -0.46 33.84
C LYS D 20 -41.80 -1.56 33.86
N LEU D 21 -41.98 -2.26 32.72
CA LEU D 21 -43.01 -3.29 32.64
C LEU D 21 -42.53 -4.60 33.23
N ASP D 22 -41.22 -4.75 33.45
CA ASP D 22 -40.69 -6.02 33.91
C ASP D 22 -41.23 -6.48 35.26
N PRO D 23 -41.19 -5.69 36.34
CA PRO D 23 -41.64 -6.23 37.64
C PRO D 23 -43.07 -6.71 37.61
N ASP D 24 -43.91 -6.11 36.77
CA ASP D 24 -45.23 -6.67 36.54
C ASP D 24 -45.15 -7.90 35.64
N SER D 25 -44.18 -7.93 34.72
CA SER D 25 -44.09 -9.03 33.77
C SER D 25 -43.65 -10.33 34.45
N PHE D 26 -42.69 -10.26 35.37
CA PHE D 26 -42.18 -11.46 36.02
C PHE D 26 -42.48 -11.42 37.51
N GLU D 27 -42.65 -12.61 38.09
CA GLU D 27 -42.74 -12.80 39.53
C GLU D 27 -41.77 -13.85 40.05
N TRP D 28 -41.35 -14.80 39.21
CA TRP D 28 -40.51 -15.90 39.69
C TRP D 28 -39.12 -15.47 40.16
N PRO D 29 -38.47 -14.42 39.61
CA PRO D 29 -37.17 -14.04 40.17
C PRO D 29 -37.20 -13.58 41.61
N PHE D 30 -38.36 -13.15 42.12
CA PHE D 30 -38.42 -12.73 43.53
C PHE D 30 -38.12 -13.90 44.47
N GLN D 31 -38.31 -15.13 43.99
CA GLN D 31 -38.05 -16.30 44.84
C GLN D 31 -36.56 -16.47 45.10
N TYR D 32 -35.71 -16.40 44.06
CA TYR D 32 -34.28 -16.47 44.31
C TYR D 32 -33.72 -15.11 44.73
N ASP D 33 -34.54 -14.06 44.61
CA ASP D 33 -34.18 -12.78 45.23
C ASP D 33 -34.14 -12.92 46.74
N ASP D 34 -35.07 -13.68 47.32
CA ASP D 34 -35.14 -13.81 48.76
C ASP D 34 -33.86 -14.42 49.33
N ALA D 35 -33.19 -15.28 48.55
CA ALA D 35 -31.92 -15.87 48.97
C ALA D 35 -30.79 -14.91 48.61
N ARG D 36 -30.74 -13.80 49.34
CA ARG D 36 -29.75 -12.76 49.06
C ARG D 36 -28.30 -13.23 49.23
N PRO D 37 -27.89 -13.83 50.36
CA PRO D 37 -26.45 -14.13 50.53
C PRO D 37 -25.87 -15.03 49.45
N ILE D 38 -26.63 -16.05 49.01
CA ILE D 38 -26.13 -16.96 48.00
C ILE D 38 -26.03 -16.27 46.65
N LEU D 39 -27.07 -15.52 46.27
CA LEU D 39 -27.09 -14.88 44.97
C LEU D 39 -26.16 -13.68 44.92
N ASP D 40 -26.02 -12.96 46.04
CA ASP D 40 -25.21 -11.75 46.05
C ASP D 40 -23.75 -12.07 45.76
N TRP D 41 -23.22 -13.14 46.34
CA TRP D 41 -21.80 -13.46 46.19
C TRP D 41 -21.43 -13.70 44.73
N ILE D 42 -22.20 -14.55 44.05
CA ILE D 42 -21.91 -14.82 42.64
C ILE D 42 -22.15 -13.57 41.80
N CYS D 43 -23.19 -12.80 42.14
CA CYS D 43 -23.47 -11.57 41.40
C CYS D 43 -22.40 -10.51 41.68
N SER D 44 -21.95 -10.41 42.94
CA SER D 44 -21.02 -9.34 43.31
C SER D 44 -19.73 -9.44 42.50
N SER D 45 -19.21 -10.64 42.30
CA SER D 45 -18.05 -10.81 41.44
C SER D 45 -18.39 -10.52 39.98
N LEU D 46 -19.63 -10.85 39.57
CA LEU D 46 -19.98 -10.73 38.16
C LEU D 46 -20.57 -9.36 37.84
N ARG D 47 -21.14 -8.67 38.84
CA ARG D 47 -21.84 -7.42 38.56
C ARG D 47 -20.96 -6.32 37.96
N PRO D 48 -19.64 -6.24 38.22
CA PRO D 48 -18.85 -5.27 37.45
C PRO D 48 -18.92 -5.49 35.95
N SER D 49 -18.91 -6.75 35.51
CA SER D 49 -18.97 -7.03 34.08
C SER D 49 -20.40 -6.99 33.56
N ASN D 50 -21.37 -7.35 34.41
CA ASN D 50 -22.76 -7.41 33.95
C ASN D 50 -23.37 -6.02 33.80
N VAL D 51 -22.89 -5.05 34.57
CA VAL D 51 -23.32 -3.67 34.36
C VAL D 51 -22.99 -3.23 32.94
N LEU D 52 -21.81 -3.61 32.45
CA LEU D 52 -21.50 -3.44 31.04
C LEU D 52 -22.35 -4.37 30.20
N SER D 53 -22.98 -3.83 29.17
CA SER D 53 -23.82 -4.64 28.30
C SER D 53 -22.98 -5.59 27.46
N LEU D 54 -23.56 -6.73 27.11
CA LEU D 54 -22.86 -7.68 26.24
C LEU D 54 -22.62 -7.07 24.86
N ALA D 55 -23.52 -6.19 24.42
CA ALA D 55 -23.25 -5.42 23.20
C ALA D 55 -22.19 -4.35 23.45
N GLU D 56 -22.16 -3.80 24.67
CA GLU D 56 -21.23 -2.72 24.97
C GLU D 56 -19.78 -3.21 24.95
N LEU D 57 -19.53 -4.43 25.43
CA LEU D 57 -18.18 -4.97 25.36
C LEU D 57 -17.77 -5.20 23.92
N SER D 58 -18.73 -5.52 23.04
CA SER D 58 -18.44 -5.58 21.61
C SER D 58 -18.19 -4.18 21.05
N LEU D 59 -18.85 -3.17 21.62
CA LEU D 59 -18.62 -1.80 21.19
C LEU D 59 -17.18 -1.37 21.47
N TYR D 60 -16.61 -1.84 22.58
CA TYR D 60 -15.20 -1.57 22.86
C TYR D 60 -14.31 -2.38 21.95
N GLU D 61 -14.75 -3.58 21.55
CA GLU D 61 -13.98 -4.37 20.60
C GLU D 61 -13.94 -3.71 19.23
N GLN D 62 -15.06 -3.16 18.77
CA GLN D 62 -15.09 -2.54 17.46
C GLN D 62 -14.41 -1.18 17.47
N PHE D 63 -14.12 -0.64 18.66
CA PHE D 63 -13.30 0.56 18.73
C PHE D 63 -11.92 0.32 18.13
N GLN D 64 -11.36 -0.86 18.38
CA GLN D 64 -10.13 -1.26 17.69
C GLN D 64 -10.38 -1.40 16.19
N ARG D 65 -11.54 -1.93 15.81
CA ARG D 65 -11.87 -2.08 14.40
C ARG D 65 -12.08 -0.72 13.73
N ASP D 66 -12.57 0.26 14.50
CA ASP D 66 -12.79 1.59 13.94
C ASP D 66 -11.48 2.23 13.48
N GLY D 67 -10.42 2.08 14.27
CA GLY D 67 -9.15 2.69 13.93
C GLY D 67 -8.40 1.95 12.85
N LYS D 68 -8.21 2.61 11.70
CA LYS D 68 -7.45 2.17 10.54
C LYS D 68 -8.15 1.06 9.76
N LEU D 69 -9.28 0.53 10.24
CA LEU D 69 -10.02 -0.50 9.54
C LEU D 69 -11.52 -0.18 9.50
N LEU D 70 -11.87 1.10 9.35
CA LEU D 70 -13.24 1.54 9.51
C LEU D 70 -14.08 1.17 8.29
N GLU D 71 -15.06 0.28 8.50
CA GLU D 71 -15.96 -0.16 7.45
C GLU D 71 -17.22 0.71 7.37
N GLY D 72 -17.41 1.61 8.32
CA GLY D 72 -18.57 2.49 8.29
C GLY D 72 -18.51 3.45 7.12
N ASP D 73 -19.63 4.17 6.93
CA ASP D 73 -19.76 5.06 5.78
C ASP D 73 -18.62 6.08 5.73
N ASP D 74 -18.18 6.36 4.51
CA ASP D 74 -17.10 7.31 4.26
C ASP D 74 -17.61 8.47 3.44
N GLN D 77 -17.14 9.68 3.75
CA GLN D 77 -17.57 10.91 3.10
C GLN D 77 -16.60 11.27 1.98
N ALA D 78 -17.15 11.58 0.81
CA ALA D 78 -16.37 11.96 -0.36
C ALA D 78 -16.99 13.19 -1.02
N TYR D 79 -16.46 14.37 -0.69
CA TYR D 79 -16.95 15.61 -1.30
C TYR D 79 -15.99 16.11 -2.36
N TRP D 540 -9.68 41.28 -11.44
CA TRP D 540 -9.81 40.19 -12.41
C TRP D 540 -8.56 39.29 -12.48
N PRO D 541 -7.35 39.86 -12.42
CA PRO D 541 -6.17 38.97 -12.28
C PRO D 541 -6.22 38.13 -11.02
N LEU D 542 -6.75 38.67 -9.93
CA LEU D 542 -6.92 37.86 -8.72
C LEU D 542 -8.18 37.00 -8.81
N MET D 543 -9.12 37.37 -9.69
CA MET D 543 -10.17 36.43 -10.08
C MET D 543 -9.61 35.19 -10.74
N LYS D 544 -8.64 35.36 -11.65
CA LYS D 544 -8.03 34.18 -12.27
C LYS D 544 -7.31 33.33 -11.24
N GLU D 545 -6.64 33.95 -10.28
CA GLU D 545 -6.11 33.20 -9.16
C GLU D 545 -7.24 32.65 -8.30
N LEU D 546 -8.33 33.42 -8.14
CA LEU D 546 -9.52 32.90 -7.48
C LEU D 546 -10.14 31.76 -8.28
N ASP D 547 -10.25 31.92 -9.60
CA ASP D 547 -10.73 30.84 -10.44
C ASP D 547 -9.80 29.63 -10.39
N GLU D 548 -8.49 29.88 -10.42
CA GLU D 548 -7.54 28.80 -10.27
C GLU D 548 -7.69 28.12 -8.91
N MET D 549 -7.67 28.90 -7.83
CA MET D 549 -7.88 28.34 -6.50
C MET D 549 -9.25 27.68 -6.41
N GLY D 550 -10.25 28.27 -7.06
CA GLY D 550 -11.58 27.68 -7.05
C GLY D 550 -11.62 26.31 -7.70
N LYS D 551 -10.98 26.18 -8.86
CA LYS D 551 -11.07 24.93 -9.61
C LYS D 551 -10.07 23.89 -9.09
N ILE D 552 -8.88 24.33 -8.67
CA ILE D 552 -7.87 23.40 -8.18
C ILE D 552 -8.30 22.77 -6.86
N ASN D 553 -8.84 23.57 -5.94
CA ASN D 553 -9.20 23.01 -4.64
C ASN D 553 -10.30 21.97 -4.77
N SER D 554 -11.28 22.20 -5.63
CA SER D 554 -12.30 21.19 -5.88
C SER D 554 -11.69 19.94 -6.51
N LYS D 555 -10.84 20.12 -7.52
CA LYS D 555 -10.16 18.98 -8.11
C LYS D 555 -9.24 18.29 -7.11
N LEU D 556 -8.46 19.07 -6.36
CA LEU D 556 -7.59 18.47 -5.36
C LEU D 556 -8.41 17.82 -4.25
N SER D 557 -9.51 18.46 -3.83
CA SER D 557 -10.45 17.78 -2.96
C SER D 557 -10.97 16.51 -3.62
N THR D 558 -11.41 16.62 -4.89
CA THR D 558 -11.83 15.44 -5.62
C THR D 558 -10.71 14.40 -5.67
N ALA D 559 -9.47 14.86 -5.91
CA ALA D 559 -8.34 13.93 -5.96
C ALA D 559 -8.15 13.22 -4.64
N VAL D 560 -8.29 13.95 -3.52
CA VAL D 560 -8.15 13.30 -2.21
C VAL D 560 -9.44 12.62 -1.79
N GLU D 561 -10.58 13.04 -2.36
CA GLU D 561 -11.83 12.34 -2.04
C GLU D 561 -12.01 11.11 -2.91
N GLU D 562 -11.55 11.15 -4.17
CA GLU D 562 -11.69 9.97 -5.02
C GLU D 562 -10.87 8.80 -4.47
N VAL D 563 -9.68 9.09 -3.94
CA VAL D 563 -8.86 8.05 -3.34
C VAL D 563 -9.48 7.55 -2.05
N THR D 564 -10.28 8.40 -1.39
CA THR D 564 -11.04 7.95 -0.23
C THR D 564 -12.39 7.40 -0.63
N LEU D 565 -12.94 7.86 -1.75
CA LEU D 565 -14.18 7.26 -2.27
C LEU D 565 -13.97 5.78 -2.58
N GLU D 566 -12.73 5.39 -2.88
CA GLU D 566 -12.48 4.02 -3.32
C GLU D 566 -12.13 3.09 -2.15
N HIS D 567 -11.51 3.61 -1.09
CA HIS D 567 -10.88 2.71 -0.12
C HIS D 567 -11.91 1.83 0.57
N ARG D 568 -13.16 2.29 0.63
CA ARG D 568 -14.23 1.47 1.18
C ARG D 568 -14.40 0.19 0.35
N ASN D 569 -14.36 0.32 -0.98
CA ASN D 569 -14.44 -0.82 -1.88
C ASN D 569 -13.13 -1.10 -2.61
N LYS D 570 -12.04 -0.46 -2.20
CA LYS D 570 -10.76 -0.69 -2.85
C LYS D 570 -10.34 -2.16 -2.76
N ARG D 571 -10.14 -2.64 -1.54
CA ARG D 571 -9.59 -3.98 -1.31
C ARG D 571 -10.43 -5.06 -1.98
N GLU D 572 -11.76 -4.89 -2.02
CA GLU D 572 -12.64 -5.96 -2.46
C GLU D 572 -12.60 -6.16 -3.97
N ILE D 573 -12.03 -5.22 -4.72
CA ILE D 573 -12.12 -5.27 -6.18
C ILE D 573 -11.40 -6.51 -6.73
N VAL D 574 -10.21 -6.80 -6.21
CA VAL D 574 -9.52 -8.02 -6.65
C VAL D 574 -10.32 -9.25 -6.26
N LYS D 575 -10.97 -9.22 -5.08
CA LYS D 575 -11.93 -10.27 -4.76
C LYS D 575 -13.10 -10.26 -5.73
N HIS D 576 -13.53 -9.07 -6.17
CA HIS D 576 -14.70 -8.98 -7.04
C HIS D 576 -14.43 -9.58 -8.42
N HIS D 577 -13.32 -9.19 -9.06
CA HIS D 577 -13.09 -9.68 -10.42
C HIS D 577 -12.61 -11.12 -10.41
N ALA D 578 -11.98 -11.55 -9.32
CA ALA D 578 -11.51 -12.93 -9.23
C ALA D 578 -12.69 -13.90 -9.19
N LYS D 579 -13.68 -13.63 -8.33
CA LYS D 579 -14.83 -14.52 -8.25
C LYS D 579 -15.62 -14.50 -9.55
N ASP D 580 -15.72 -13.32 -10.18
CA ASP D 580 -16.39 -13.23 -11.47
C ASP D 580 -15.71 -14.13 -12.49
N VAL D 581 -14.37 -14.18 -12.46
CA VAL D 581 -13.66 -15.23 -13.19
C VAL D 581 -13.90 -16.58 -12.54
N GLU D 582 -13.82 -16.65 -11.21
CA GLU D 582 -13.89 -17.94 -10.54
C GLU D 582 -15.25 -18.59 -10.69
N LEU D 583 -16.33 -17.84 -10.46
CA LEU D 583 -17.66 -18.43 -10.55
C LEU D 583 -17.97 -18.87 -11.97
N GLN D 584 -17.46 -18.14 -12.97
CA GLN D 584 -17.76 -18.48 -14.36
C GLN D 584 -17.24 -19.86 -14.73
N ARG D 585 -16.01 -20.18 -14.34
CA ARG D 585 -15.50 -21.53 -14.53
C ARG D 585 -16.30 -22.54 -13.69
N ARG D 586 -16.70 -22.14 -12.49
CA ARG D 586 -17.39 -23.06 -11.59
C ARG D 586 -18.73 -23.53 -12.17
N VAL D 587 -19.27 -22.78 -13.12
CA VAL D 587 -20.61 -23.08 -13.64
C VAL D 587 -20.65 -24.46 -14.28
N PHE D 588 -19.67 -24.78 -15.13
CA PHE D 588 -19.71 -26.04 -15.84
C PHE D 588 -18.99 -27.17 -15.10
N VAL D 589 -17.99 -26.83 -14.28
CA VAL D 589 -17.25 -27.84 -13.52
C VAL D 589 -18.16 -28.41 -12.43
N ASP D 590 -19.08 -27.59 -11.92
CA ASP D 590 -20.05 -28.08 -10.94
C ASP D 590 -20.89 -29.21 -11.52
N PHE D 591 -21.04 -29.24 -12.85
CA PHE D 591 -21.88 -30.26 -13.47
C PHE D 591 -21.26 -31.65 -13.36
N PHE D 592 -20.01 -31.80 -13.83
CA PHE D 592 -19.35 -33.11 -13.89
C PHE D 592 -17.89 -32.96 -13.45
N CYS D 593 -17.62 -33.23 -12.18
CA CYS D 593 -16.26 -33.18 -11.64
C CYS D 593 -15.93 -34.37 -10.75
N ASN D 594 -16.88 -35.28 -10.54
CA ASN D 594 -16.62 -36.44 -9.68
C ASN D 594 -15.49 -37.33 -10.17
N PRO D 595 -15.44 -37.77 -11.44
CA PRO D 595 -14.39 -38.73 -11.81
C PRO D 595 -12.99 -38.14 -11.86
N GLU D 596 -12.84 -36.93 -12.41
CA GLU D 596 -11.53 -36.31 -12.60
C GLU D 596 -11.40 -35.07 -11.71
N ARG D 597 -10.83 -35.28 -10.52
CA ARG D 597 -10.47 -34.15 -9.67
C ARG D 597 -9.00 -33.81 -9.79
N LEU D 598 -8.14 -34.82 -9.96
CA LEU D 598 -6.71 -34.56 -10.07
C LEU D 598 -6.42 -33.81 -11.37
N ARG D 599 -7.18 -34.10 -12.42
CA ARG D 599 -7.16 -33.25 -13.61
C ARG D 599 -7.65 -31.84 -13.26
N ASN D 600 -8.72 -31.75 -12.47
CA ASN D 600 -9.30 -30.45 -12.17
C ASN D 600 -8.40 -29.62 -11.28
N GLN D 601 -7.73 -30.24 -10.32
CA GLN D 601 -6.86 -29.50 -9.41
C GLN D 601 -5.66 -28.93 -10.15
N VAL D 602 -5.31 -29.52 -11.30
CA VAL D 602 -4.27 -28.94 -12.14
C VAL D 602 -4.77 -27.62 -12.74
N ARG D 603 -6.04 -27.58 -13.15
CA ARG D 603 -6.58 -26.39 -13.80
C ARG D 603 -6.61 -25.19 -12.84
N GLU D 604 -6.98 -25.41 -11.59
CA GLU D 604 -7.08 -24.29 -10.65
C GLU D 604 -5.71 -23.70 -10.33
N LEU D 605 -4.64 -24.46 -10.58
CA LEU D 605 -3.30 -23.92 -10.35
C LEU D 605 -2.94 -22.87 -11.40
N ASN D 606 -3.19 -23.16 -12.68
CA ASN D 606 -2.79 -22.23 -13.72
C ASN D 606 -3.91 -21.27 -14.11
N ALA D 607 -5.15 -21.57 -13.69
CA ALA D 607 -6.24 -20.62 -13.87
C ALA D 607 -5.98 -19.34 -13.08
N LEU D 608 -5.48 -19.49 -11.86
CA LEU D 608 -5.14 -18.31 -11.05
C LEU D 608 -3.89 -17.62 -11.58
N VAL D 609 -3.04 -18.36 -12.31
CA VAL D 609 -1.89 -17.74 -12.95
C VAL D 609 -2.35 -16.66 -13.93
N ARG D 610 -3.41 -16.95 -14.69
CA ARG D 610 -4.06 -15.91 -15.48
C ARG D 610 -4.65 -14.84 -14.57
N ALA D 611 -5.26 -15.26 -13.45
CA ALA D 611 -5.89 -14.30 -12.55
C ALA D 611 -4.87 -13.38 -11.90
N ARG D 612 -3.75 -13.93 -11.42
CA ARG D 612 -2.73 -13.09 -10.80
C ARG D 612 -2.11 -12.15 -11.82
N GLN D 613 -2.03 -12.58 -13.07
CA GLN D 613 -1.58 -11.67 -14.13
C GLN D 613 -2.54 -10.51 -14.29
N ALA D 614 -3.85 -10.78 -14.25
CA ALA D 614 -4.84 -9.72 -14.30
C ALA D 614 -4.76 -8.84 -13.05
N SER D 615 -4.57 -9.45 -11.89
CA SER D 615 -4.47 -8.69 -10.64
C SER D 615 -3.21 -7.82 -10.62
N SER D 616 -2.11 -8.33 -11.20
CA SER D 616 -0.88 -7.55 -11.26
C SER D 616 -0.95 -6.49 -12.36
N SER D 617 -1.74 -6.73 -13.40
CA SER D 617 -1.87 -5.79 -14.50
C SER D 617 -2.90 -4.71 -14.19
#